data_6DFL
#
_entry.id   6DFL
#
_cell.length_a   92.023
_cell.length_b   92.023
_cell.length_c   99.172
_cell.angle_alpha   90.000
_cell.angle_beta   90.000
_cell.angle_gamma   120.000
#
_symmetry.space_group_name_H-M   'P 31 2 1'
#
loop_
_entity.id
_entity.type
_entity.pdbx_description
1 polymer 'Lipopolysaccharide core heptose(I) kinase RfaP'
2 polymer 'Acyl carrier protein'
3 non-polymer 'S-[2-({N-[(2S)-2-hydroxy-3,3-dimethyl-4-(phosphonooxy)butanoyl]-beta-alanyl}amino)ethyl] hexadecanethioate'
#
loop_
_entity_poly.entity_id
_entity_poly.type
_entity_poly.pdbx_seq_one_letter_code
_entity_poly.pdbx_strand_id
1 'polypeptide(L)'
;(MSE)RLVLEEPFKRLWNGRDPFEAVEALQGKVYRELEGRRTLRTEVDGRGYFVKIHRGIGWGEIAKNLLTAKLPVLGAR
QEWQAIRRLHEAGVAT(MSE)TAVAYGERGSDPARQHSFIVTEELAPTVDLEVFSQDWRERPPPPRLKRALVEAVAR
(MSE)VGD(MSE)HRAGVNHRDCYICHFLLHTDKPVSADDFRLSVIDLHRAQTRDATPKRWRNKDLAALYFSALDIGLTR
RDKLRFLRTYFRRPLREILRDEAGLLAW(MSE)ERKAEKLYE
;
A
2 'polypeptide(L)' TIEERVKKIIGEQLGVKQEEVTNNASFVEDLGADSLDTVELV(MSE)ALEEEFDTEIPDEEAEKITTVQAAIDYIN B
#
loop_
_chem_comp.id
_chem_comp.type
_chem_comp.name
_chem_comp.formula
G9S non-polymer 'S-[2-({N-[(2S)-2-hydroxy-3,3-dimethyl-4-(phosphonooxy)butanoyl]-beta-alanyl}amino)ethyl] hexadecanethioate' 'C27 H53 N2 O8 P S'
#
# COMPACT_ATOMS: atom_id res chain seq x y z
N MSE A 1 -0.10 -31.37 14.45
CA MSE A 1 1.20 -30.83 14.80
C MSE A 1 1.88 -30.09 13.66
O MSE A 1 2.15 -30.68 12.60
CB MSE A 1 2.13 -31.94 15.30
CG MSE A 1 3.56 -31.50 15.58
SE MSE A 1 3.75 -30.61 17.32
CE MSE A 1 5.70 -30.64 17.55
N ARG A 2 2.17 -28.81 13.85
CA ARG A 2 3.02 -28.07 12.94
C ARG A 2 4.00 -27.26 13.75
N LEU A 3 5.27 -27.31 13.37
CA LEU A 3 6.29 -26.60 14.12
C LEU A 3 7.45 -26.32 13.20
N VAL A 4 7.85 -25.05 13.14
CA VAL A 4 9.06 -24.65 12.44
C VAL A 4 9.81 -23.73 13.38
N LEU A 5 11.05 -24.08 13.70
CA LEU A 5 11.92 -23.24 14.50
C LEU A 5 13.11 -22.78 13.67
N GLU A 6 13.44 -21.50 13.81
CA GLU A 6 14.61 -20.90 13.19
C GLU A 6 15.41 -20.18 14.27
N GLU A 7 16.54 -19.62 13.88
CA GLU A 7 17.35 -18.96 14.90
C GLU A 7 16.73 -17.62 15.31
N PRO A 8 16.89 -17.22 16.58
CA PRO A 8 17.72 -17.87 17.60
C PRO A 8 17.03 -18.97 18.42
N PHE A 9 15.72 -19.14 18.23
CA PHE A 9 14.94 -20.03 19.08
C PHE A 9 15.12 -21.51 18.76
N LYS A 10 15.81 -21.85 17.67
CA LYS A 10 16.08 -23.25 17.37
C LYS A 10 16.97 -23.88 18.42
N ARG A 11 18.12 -23.24 18.70
CA ARG A 11 18.95 -23.69 19.81
C ARG A 11 18.28 -23.38 21.15
N LEU A 12 17.79 -22.14 21.32
CA LEU A 12 17.22 -21.71 22.60
C LEU A 12 16.22 -22.70 23.14
N TRP A 13 15.48 -23.39 22.27
CA TRP A 13 14.50 -24.36 22.72
C TRP A 13 14.86 -25.75 22.24
N ASN A 14 16.12 -26.13 22.39
CA ASN A 14 16.59 -27.41 21.86
C ASN A 14 15.88 -28.57 22.55
N GLY A 15 16.28 -28.87 23.78
CA GLY A 15 15.62 -29.92 24.52
C GLY A 15 14.44 -29.39 25.31
N ARG A 16 13.68 -28.49 24.70
CA ARG A 16 12.59 -27.83 25.38
C ARG A 16 11.31 -27.98 24.57
N ASP A 17 10.19 -28.13 25.26
CA ASP A 17 8.90 -28.04 24.57
C ASP A 17 8.72 -26.60 24.13
N PRO A 18 8.75 -26.30 22.84
CA PRO A 18 8.65 -24.89 22.41
C PRO A 18 7.34 -24.23 22.80
N PHE A 19 6.25 -24.99 22.87
CA PHE A 19 4.97 -24.39 23.27
C PHE A 19 5.01 -23.91 24.71
N GLU A 20 5.80 -24.57 25.55
CA GLU A 20 6.10 -24.03 26.88
C GLU A 20 6.99 -22.80 26.75
N ALA A 21 8.04 -22.87 25.93
CA ALA A 21 9.02 -21.80 25.89
C ALA A 21 8.43 -20.48 25.39
N VAL A 22 7.49 -20.51 24.43
CA VAL A 22 6.93 -19.23 23.98
C VAL A 22 6.18 -18.57 25.11
N GLU A 23 5.47 -19.38 25.91
CA GLU A 23 4.75 -18.87 27.07
C GLU A 23 5.68 -18.35 28.16
N ALA A 24 6.96 -18.71 28.10
CA ALA A 24 7.94 -18.26 29.07
C ALA A 24 8.71 -17.02 28.61
N LEU A 25 8.59 -16.64 27.34
CA LEU A 25 9.23 -15.42 26.87
C LEU A 25 8.59 -14.21 27.53
N GLN A 26 9.40 -13.16 27.70
CA GLN A 26 9.03 -12.02 28.53
C GLN A 26 9.34 -10.71 27.84
N GLY A 27 8.57 -9.70 28.19
CA GLY A 27 8.73 -8.37 27.66
C GLY A 27 7.40 -7.64 27.71
N LYS A 28 7.37 -6.47 27.07
CA LYS A 28 6.16 -5.65 27.05
C LYS A 28 5.02 -6.45 26.45
N VAL A 29 4.04 -6.82 27.29
CA VAL A 29 2.91 -7.67 26.88
C VAL A 29 1.76 -6.78 26.40
N TYR A 30 1.03 -7.26 25.38
CA TYR A 30 -0.07 -6.48 24.80
C TYR A 30 -1.38 -7.28 24.77
N ARG A 31 -2.07 -7.20 23.60
CA ARG A 31 -3.48 -7.55 23.47
C ARG A 31 -3.81 -8.95 23.99
N GLU A 32 -4.88 -9.06 24.78
CA GLU A 32 -5.30 -10.33 25.35
C GLU A 32 -6.69 -10.73 24.88
N LEU A 33 -6.90 -10.75 23.55
CA LEU A 33 -8.21 -11.00 22.93
C LEU A 33 -8.58 -12.49 23.01
N GLU A 34 -9.11 -12.89 24.18
CA GLU A 34 -9.65 -14.22 24.43
C GLU A 34 -8.64 -15.32 24.09
N GLY A 35 -7.76 -15.66 25.04
CA GLY A 35 -6.77 -16.68 24.81
C GLY A 35 -5.57 -16.19 24.03
N ARG A 36 -5.79 -15.22 23.13
CA ARG A 36 -4.71 -14.64 22.35
C ARG A 36 -3.75 -13.87 23.24
N ARG A 37 -2.63 -13.45 22.65
CA ARG A 37 -1.57 -12.74 23.37
C ARG A 37 -0.53 -12.25 22.39
N THR A 38 -0.04 -11.02 22.60
CA THR A 38 1.08 -10.46 21.87
C THR A 38 2.06 -9.85 22.86
N LEU A 39 3.36 -10.07 22.64
CA LEU A 39 4.35 -9.44 23.49
C LEU A 39 5.61 -9.23 22.70
N ARG A 40 6.32 -8.14 22.99
CA ARG A 40 7.65 -7.90 22.45
C ARG A 40 8.71 -8.50 23.37
N THR A 41 9.72 -9.12 22.78
CA THR A 41 10.78 -9.74 23.54
C THR A 41 12.10 -9.51 22.81
N GLU A 42 13.19 -9.63 23.54
CA GLU A 42 14.52 -9.43 22.96
C GLU A 42 15.37 -10.66 23.20
N VAL A 43 16.14 -11.04 22.18
CA VAL A 43 17.14 -12.09 22.29
C VAL A 43 18.43 -11.49 21.73
N ASP A 44 19.43 -11.30 22.59
CA ASP A 44 20.64 -10.59 22.20
C ASP A 44 20.29 -9.23 21.61
N GLY A 45 19.33 -8.56 22.23
CA GLY A 45 18.93 -7.21 21.88
C GLY A 45 18.22 -7.05 20.56
N ARG A 46 17.84 -8.14 19.88
CA ARG A 46 17.23 -8.01 18.56
C ARG A 46 15.81 -7.45 18.64
N GLY A 47 14.93 -8.14 19.35
CA GLY A 47 13.54 -7.71 19.33
C GLY A 47 12.67 -8.52 18.40
N TYR A 48 11.66 -9.17 18.95
CA TYR A 48 10.76 -10.04 18.24
C TYR A 48 9.38 -9.90 18.84
N PHE A 49 8.36 -10.08 18.02
CA PHE A 49 6.98 -10.05 18.50
C PHE A 49 6.48 -11.48 18.62
N VAL A 50 5.84 -11.79 19.74
CA VAL A 50 5.37 -13.13 20.07
C VAL A 50 3.86 -13.09 20.06
N LYS A 51 3.25 -13.92 19.20
CA LYS A 51 1.80 -14.00 19.12
C LYS A 51 1.40 -15.42 19.47
N ILE A 52 0.62 -15.58 20.54
CA ILE A 52 0.20 -16.88 21.05
C ILE A 52 -1.32 -16.95 21.03
N HIS A 53 -1.85 -18.03 20.47
CA HIS A 53 -3.29 -18.28 20.46
C HIS A 53 -3.47 -19.58 21.24
N ARG A 54 -4.41 -19.59 22.17
CA ARG A 54 -4.61 -20.81 22.97
C ARG A 54 -6.08 -21.15 23.13
N LEU A 73 -9.54 -18.90 14.84
CA LEU A 73 -8.44 -18.06 14.40
C LEU A 73 -7.15 -18.35 15.16
N GLY A 74 -6.07 -18.62 14.42
CA GLY A 74 -4.79 -18.92 15.04
C GLY A 74 -3.60 -18.38 14.26
N ALA A 75 -2.38 -18.68 14.71
CA ALA A 75 -1.17 -18.18 14.07
C ALA A 75 -0.99 -18.66 12.63
N ARG A 76 -1.78 -19.64 12.20
CA ARG A 76 -1.61 -20.19 10.86
C ARG A 76 -1.79 -19.11 9.80
N GLN A 77 -2.78 -18.23 9.98
CA GLN A 77 -3.06 -17.21 8.99
C GLN A 77 -1.82 -16.37 8.69
N GLU A 78 -1.26 -15.74 9.72
CA GLU A 78 -0.02 -15.00 9.56
C GLU A 78 1.08 -15.84 8.93
N TRP A 79 1.22 -17.09 9.38
CA TRP A 79 2.40 -17.87 8.96
C TRP A 79 2.37 -18.17 7.48
N GLN A 80 1.20 -18.50 6.93
CA GLN A 80 1.08 -18.84 5.51
C GLN A 80 1.12 -17.59 4.65
N ALA A 81 0.59 -16.46 5.15
CA ALA A 81 0.76 -15.21 4.40
C ALA A 81 2.21 -14.83 4.31
N ILE A 82 2.90 -14.84 5.45
CA ILE A 82 4.33 -14.52 5.45
C ILE A 82 5.08 -15.44 4.51
N ARG A 83 4.73 -16.72 4.52
CA ARG A 83 5.48 -17.65 3.67
C ARG A 83 5.18 -17.42 2.20
N ARG A 84 3.92 -17.17 1.85
CA ARG A 84 3.61 -16.88 0.45
C ARG A 84 4.23 -15.57 0.01
N LEU A 85 4.19 -14.54 0.85
CA LEU A 85 4.75 -13.25 0.45
C LEU A 85 6.25 -13.34 0.22
N HIS A 86 6.95 -14.19 0.98
CA HIS A 86 8.37 -14.39 0.75
C HIS A 86 8.61 -15.07 -0.60
N GLU A 87 7.84 -16.12 -0.91
CA GLU A 87 7.91 -16.72 -2.23
C GLU A 87 7.72 -15.66 -3.32
N ALA A 88 6.74 -14.78 -3.16
CA ALA A 88 6.38 -13.82 -4.18
C ALA A 88 7.24 -12.56 -4.19
N GLY A 89 8.25 -12.49 -3.32
CA GLY A 89 9.11 -11.32 -3.29
C GLY A 89 8.51 -10.06 -2.70
N VAL A 90 7.48 -10.18 -1.86
CA VAL A 90 6.83 -9.03 -1.23
C VAL A 90 7.43 -8.87 0.17
N ALA A 91 8.00 -7.70 0.42
CA ALA A 91 8.76 -7.46 1.62
C ALA A 91 7.85 -7.43 2.86
N THR A 92 8.15 -8.27 3.84
CA THR A 92 7.27 -8.41 4.99
C THR A 92 8.10 -8.86 6.18
N MSE A 93 7.40 -9.24 7.25
CA MSE A 93 8.04 -9.74 8.44
C MSE A 93 8.76 -11.02 8.14
O MSE A 93 8.43 -11.72 7.19
CB MSE A 93 7.03 -9.97 9.57
CG MSE A 93 6.43 -8.70 10.13
SE MSE A 93 4.58 -9.09 10.59
CE MSE A 93 4.58 -8.39 12.46
N THR A 94 9.74 -11.35 8.96
CA THR A 94 10.39 -12.65 8.90
C THR A 94 9.96 -13.42 10.14
N ALA A 95 9.60 -14.68 9.95
CA ALA A 95 9.07 -15.52 11.02
C ALA A 95 10.15 -16.48 11.47
N VAL A 96 10.52 -16.39 12.74
CA VAL A 96 11.59 -17.23 13.29
C VAL A 96 11.05 -18.41 14.10
N ALA A 97 9.76 -18.43 14.42
CA ALA A 97 9.22 -19.56 15.16
C ALA A 97 7.71 -19.61 14.94
N TYR A 98 7.19 -20.84 14.84
CA TYR A 98 5.78 -21.08 14.54
C TYR A 98 5.41 -22.44 15.09
N GLY A 99 4.19 -22.58 15.60
CA GLY A 99 3.77 -23.87 16.11
C GLY A 99 2.29 -24.00 16.18
N GLU A 100 1.80 -25.24 15.97
CA GLU A 100 0.41 -25.62 16.19
C GLU A 100 0.38 -27.01 16.80
N ARG A 101 -0.44 -27.19 17.84
CA ARG A 101 -0.73 -28.53 18.35
C ARG A 101 -2.12 -28.56 18.98
N GLY A 102 -2.71 -29.74 18.98
CA GLY A 102 -4.00 -29.92 19.64
C GLY A 102 -4.79 -31.12 19.15
N SER A 103 -5.41 -31.82 20.09
CA SER A 103 -6.23 -32.98 19.76
C SER A 103 -7.47 -32.58 18.96
N ASP A 104 -7.96 -31.36 19.16
CA ASP A 104 -9.06 -30.83 18.37
C ASP A 104 -8.46 -29.92 17.29
N PRO A 105 -8.38 -30.36 16.03
CA PRO A 105 -7.79 -29.49 14.99
C PRO A 105 -8.46 -28.12 14.88
N ALA A 106 -9.66 -27.93 15.44
CA ALA A 106 -10.30 -26.63 15.44
C ALA A 106 -9.77 -25.73 16.55
N ARG A 107 -9.66 -26.26 17.77
CA ARG A 107 -9.21 -25.54 18.95
C ARG A 107 -7.75 -25.90 19.23
N GLN A 108 -6.86 -25.32 18.45
CA GLN A 108 -5.42 -25.56 18.53
C GLN A 108 -4.75 -24.54 19.45
N HIS A 109 -3.64 -24.94 20.05
CA HIS A 109 -2.72 -24.02 20.72
C HIS A 109 -1.63 -23.64 19.71
N SER A 110 -1.54 -22.35 19.37
CA SER A 110 -0.53 -21.98 18.39
C SER A 110 0.27 -20.77 18.83
N PHE A 111 1.38 -20.56 18.14
CA PHE A 111 2.22 -19.40 18.37
C PHE A 111 2.98 -19.08 17.09
N ILE A 112 3.37 -17.82 16.97
CA ILE A 112 4.29 -17.40 15.93
C ILE A 112 5.08 -16.21 16.43
N VAL A 113 6.38 -16.25 16.21
CA VAL A 113 7.30 -15.17 16.59
C VAL A 113 7.90 -14.58 15.32
N THR A 114 7.70 -13.27 15.12
CA THR A 114 8.24 -12.51 14.00
C THR A 114 9.32 -11.55 14.47
N GLU A 115 10.35 -11.38 13.64
CA GLU A 115 11.38 -10.38 13.90
C GLU A 115 10.79 -8.98 13.87
N GLU A 116 11.37 -8.08 14.65
CA GLU A 116 11.01 -6.69 14.59
C GLU A 116 11.63 -6.03 13.35
N LEU A 117 10.88 -5.14 12.75
CA LEU A 117 11.36 -4.33 11.65
C LEU A 117 11.64 -2.94 12.18
N ALA A 118 12.91 -2.54 12.14
CA ALA A 118 13.30 -1.28 12.78
C ALA A 118 14.69 -0.90 12.31
N PRO A 119 14.97 0.40 12.14
CA PRO A 119 14.01 1.48 12.39
C PRO A 119 13.03 1.67 11.23
N THR A 120 11.76 1.85 11.57
CA THR A 120 10.69 2.02 10.60
C THR A 120 9.74 3.10 11.09
N VAL A 121 9.03 3.72 10.16
CA VAL A 121 7.87 4.53 10.46
C VAL A 121 6.75 4.07 9.56
N ASP A 122 5.59 3.79 10.16
CA ASP A 122 4.46 3.36 9.35
C ASP A 122 3.92 4.56 8.57
N LEU A 123 3.18 4.25 7.51
CA LEU A 123 2.90 5.25 6.49
C LEU A 123 1.81 6.21 6.91
N GLU A 124 0.92 5.80 7.82
CA GLU A 124 -0.07 6.74 8.37
C GLU A 124 0.61 7.85 9.16
N VAL A 125 1.50 7.45 10.07
CA VAL A 125 2.31 8.42 10.80
C VAL A 125 3.11 9.28 9.82
N PHE A 126 3.78 8.63 8.88
CA PHE A 126 4.59 9.36 7.91
C PHE A 126 3.79 10.39 7.14
N SER A 127 2.53 10.08 6.82
CA SER A 127 1.69 11.00 6.07
C SER A 127 0.70 11.75 6.95
N GLN A 128 0.75 11.54 8.28
CA GLN A 128 -0.03 12.24 9.29
C GLN A 128 -0.51 13.62 8.89
N ASP A 129 0.40 14.48 8.41
CA ASP A 129 0.13 15.89 8.18
C ASP A 129 0.57 16.32 6.80
N TRP A 130 0.37 15.46 5.80
CA TRP A 130 0.60 15.85 4.41
C TRP A 130 -0.39 16.92 3.97
N ARG A 131 -1.59 16.93 4.55
CA ARG A 131 -2.56 17.96 4.20
C ARG A 131 -1.99 19.35 4.43
N GLU A 132 -1.21 19.53 5.51
CA GLU A 132 -0.67 20.83 5.88
C GLU A 132 0.83 20.95 5.68
N ARG A 133 1.57 19.85 5.71
CA ARG A 133 3.00 19.86 5.43
C ARG A 133 3.24 19.02 4.17
N PRO A 134 2.89 19.53 2.99
CA PRO A 134 2.90 18.71 1.78
C PRO A 134 4.29 18.18 1.46
N PRO A 135 4.40 16.91 1.15
CA PRO A 135 5.70 16.30 0.84
C PRO A 135 6.13 16.64 -0.57
N PRO A 136 7.37 16.31 -0.95
CA PRO A 136 7.76 16.42 -2.37
C PRO A 136 6.81 15.60 -3.22
N PRO A 137 6.29 16.16 -4.31
CA PRO A 137 5.36 15.38 -5.16
C PRO A 137 5.93 14.05 -5.60
N ARG A 138 7.20 14.01 -6.03
CA ARG A 138 7.73 12.75 -6.55
C ARG A 138 7.84 11.70 -5.44
N LEU A 139 8.28 12.11 -4.25
CA LEU A 139 8.26 11.18 -3.12
C LEU A 139 6.85 10.64 -2.89
N LYS A 140 5.87 11.53 -2.90
CA LYS A 140 4.49 11.13 -2.68
C LYS A 140 4.07 10.06 -3.68
N ARG A 141 4.20 10.36 -4.97
CA ARG A 141 3.74 9.44 -6.00
C ARG A 141 4.51 8.12 -5.96
N ALA A 142 5.81 8.17 -5.66
CA ALA A 142 6.57 6.93 -5.53
C ALA A 142 6.02 6.06 -4.41
N LEU A 143 5.59 6.66 -3.29
CA LEU A 143 5.02 5.86 -2.20
C LEU A 143 3.65 5.31 -2.58
N VAL A 144 2.77 6.16 -3.13
CA VAL A 144 1.50 5.67 -3.66
C VAL A 144 1.73 4.47 -4.57
N GLU A 145 2.70 4.58 -5.48
CA GLU A 145 2.89 3.51 -6.44
C GLU A 145 3.52 2.29 -5.79
N ALA A 146 4.46 2.50 -4.88
CA ALA A 146 5.07 1.37 -4.20
C ALA A 146 4.04 0.54 -3.43
N VAL A 147 2.94 1.16 -2.98
CA VAL A 147 1.96 0.37 -2.27
C VAL A 147 1.06 -0.34 -3.27
N ALA A 148 0.68 0.38 -4.33
CA ALA A 148 -0.02 -0.25 -5.45
C ALA A 148 0.71 -1.51 -5.91
N ARG A 149 2.03 -1.48 -5.98
CA ARG A 149 2.75 -2.67 -6.43
C ARG A 149 2.68 -3.79 -5.41
N MSE A 150 2.81 -3.47 -4.13
CA MSE A 150 2.88 -4.51 -3.13
C MSE A 150 1.54 -5.19 -2.98
O MSE A 150 1.46 -6.41 -2.94
CB MSE A 150 3.36 -3.94 -1.82
CG MSE A 150 4.80 -3.52 -1.82
SE MSE A 150 5.27 -2.98 -0.01
CE MSE A 150 5.12 -4.66 0.94
N VAL A 151 0.49 -4.37 -2.93
CA VAL A 151 -0.86 -4.92 -2.75
C VAL A 151 -1.26 -5.75 -3.97
N GLY A 152 -1.14 -5.17 -5.17
CA GLY A 152 -1.26 -5.96 -6.39
C GLY A 152 -0.45 -7.24 -6.33
N ASP A 153 0.84 -7.14 -5.95
CA ASP A 153 1.68 -8.33 -5.85
C ASP A 153 1.14 -9.32 -4.84
N MSE A 154 0.74 -8.81 -3.68
CA MSE A 154 0.12 -9.60 -2.65
C MSE A 154 -1.10 -10.36 -3.18
O MSE A 154 -1.24 -11.56 -2.96
CB MSE A 154 -0.29 -8.69 -1.52
CG MSE A 154 -0.26 -9.26 -0.14
SE MSE A 154 -0.79 -7.81 1.07
CE MSE A 154 -2.69 -7.77 0.67
N HIS A 155 -2.00 -9.63 -3.84
CA HIS A 155 -3.22 -10.23 -4.33
C HIS A 155 -2.93 -11.27 -5.41
N ARG A 156 -2.07 -10.93 -6.38
CA ARG A 156 -1.75 -11.89 -7.43
C ARG A 156 -1.04 -13.09 -6.84
N ALA A 157 -0.47 -12.96 -5.64
CA ALA A 157 0.19 -14.14 -5.13
C ALA A 157 -0.75 -14.98 -4.28
N GLY A 158 -2.03 -14.62 -4.22
CA GLY A 158 -3.01 -15.40 -3.48
C GLY A 158 -3.27 -14.98 -2.04
N VAL A 159 -2.74 -13.84 -1.62
CA VAL A 159 -2.88 -13.35 -0.25
C VAL A 159 -3.75 -12.11 -0.26
N ASN A 160 -4.83 -12.11 0.50
CA ASN A 160 -5.55 -10.89 0.83
C ASN A 160 -5.32 -10.52 2.29
N HIS A 161 -5.11 -9.24 2.54
CA HIS A 161 -4.59 -8.82 3.83
C HIS A 161 -5.63 -8.96 4.92
N ARG A 162 -6.79 -8.32 4.72
CA ARG A 162 -7.94 -8.25 5.62
C ARG A 162 -7.81 -7.09 6.59
N ASP A 163 -6.60 -6.62 6.81
CA ASP A 163 -6.32 -5.36 7.50
C ASP A 163 -5.37 -4.50 6.70
N CYS A 164 -5.76 -4.23 5.44
CA CYS A 164 -4.93 -3.51 4.48
C CYS A 164 -5.10 -2.01 4.69
N TYR A 165 -4.31 -1.45 5.58
CA TYR A 165 -4.34 -0.03 5.87
C TYR A 165 -2.94 0.51 5.72
N ILE A 166 -2.85 1.83 5.50
CA ILE A 166 -1.53 2.42 5.37
C ILE A 166 -0.70 2.23 6.63
N CYS A 167 -1.34 2.11 7.80
CA CYS A 167 -0.50 1.93 8.98
C CYS A 167 0.20 0.57 8.98
N HIS A 168 -0.29 -0.41 8.21
CA HIS A 168 0.37 -1.70 8.17
C HIS A 168 1.42 -1.78 7.08
N PHE A 169 1.89 -0.64 6.59
CA PHE A 169 3.02 -0.58 5.68
C PHE A 169 4.13 0.20 6.34
N LEU A 170 5.30 -0.41 6.47
CA LEU A 170 6.43 0.21 7.14
C LEU A 170 7.37 0.83 6.10
N LEU A 171 7.62 2.12 6.26
CA LEU A 171 8.70 2.77 5.53
C LEU A 171 9.99 2.61 6.33
N HIS A 172 11.06 2.21 5.65
CA HIS A 172 12.30 1.88 6.34
C HIS A 172 13.17 3.12 6.50
N THR A 173 13.51 3.45 7.75
CA THR A 173 14.25 4.66 8.08
C THR A 173 15.70 4.40 8.45
N ASP A 174 16.23 3.21 8.18
CA ASP A 174 17.65 2.97 8.39
C ASP A 174 18.53 3.75 7.42
N LYS A 175 17.96 4.36 6.39
CA LYS A 175 18.66 5.18 5.43
C LYS A 175 17.80 6.40 5.16
N PRO A 176 18.37 7.48 4.66
CA PRO A 176 17.53 8.62 4.26
C PRO A 176 16.59 8.22 3.14
N VAL A 177 15.38 8.74 3.21
CA VAL A 177 14.30 8.38 2.30
C VAL A 177 14.20 9.44 1.21
N SER A 178 14.21 9.01 -0.05
CA SER A 178 13.97 9.88 -1.19
C SER A 178 13.05 9.18 -2.18
N ALA A 179 12.64 9.90 -3.22
CA ALA A 179 11.75 9.31 -4.21
C ALA A 179 12.44 8.20 -5.01
N ASP A 180 13.77 8.20 -5.03
CA ASP A 180 14.49 7.24 -5.84
C ASP A 180 14.96 6.05 -5.04
N ASP A 181 14.92 6.16 -3.72
CA ASP A 181 15.48 5.13 -2.85
C ASP A 181 14.68 5.09 -1.55
N PHE A 182 13.84 4.06 -1.40
CA PHE A 182 13.09 3.77 -0.18
C PHE A 182 12.52 2.36 -0.31
N ARG A 183 12.37 1.68 0.83
CA ARG A 183 11.76 0.36 0.82
C ARG A 183 10.64 0.26 1.85
N LEU A 184 9.58 -0.44 1.46
CA LEU A 184 8.42 -0.70 2.29
C LEU A 184 8.45 -2.15 2.76
N SER A 185 7.75 -2.39 3.88
CA SER A 185 7.39 -3.74 4.30
C SER A 185 5.92 -3.71 4.72
N VAL A 186 5.18 -4.72 4.33
CA VAL A 186 3.82 -4.89 4.82
C VAL A 186 3.88 -5.71 6.10
N ILE A 187 3.10 -5.31 7.10
CA ILE A 187 3.09 -6.07 8.34
C ILE A 187 1.66 -6.40 8.70
N ASP A 188 1.46 -6.82 9.94
CA ASP A 188 0.24 -7.38 10.52
C ASP A 188 -0.57 -8.22 9.57
N LEU A 189 -0.26 -9.51 9.50
CA LEU A 189 -1.02 -10.42 8.65
C LEU A 189 -1.84 -11.40 9.47
N HIS A 190 -2.23 -11.00 10.68
CA HIS A 190 -2.73 -11.98 11.64
C HIS A 190 -4.03 -12.62 11.19
N ARG A 191 -4.83 -11.89 10.38
CA ARG A 191 -6.04 -12.37 9.71
C ARG A 191 -5.88 -12.62 8.20
N ALA A 192 -4.66 -12.62 7.68
CA ALA A 192 -4.50 -12.75 6.25
C ALA A 192 -4.90 -14.14 5.78
N GLN A 193 -5.56 -14.18 4.62
CA GLN A 193 -5.97 -15.41 3.97
C GLN A 193 -5.09 -15.70 2.76
N THR A 194 -4.61 -16.95 2.70
CA THR A 194 -3.67 -17.38 1.69
C THR A 194 -4.31 -18.48 0.87
N ARG A 195 -4.41 -18.24 -0.44
CA ARG A 195 -4.97 -19.20 -1.37
C ARG A 195 -4.07 -19.27 -2.58
N ASP A 196 -4.45 -20.10 -3.53
CA ASP A 196 -3.70 -20.02 -4.78
C ASP A 196 -4.17 -18.86 -5.64
N ALA A 197 -5.43 -18.44 -5.50
CA ALA A 197 -5.92 -17.23 -6.14
C ALA A 197 -6.84 -16.50 -5.18
N THR A 198 -6.65 -15.19 -5.07
CA THR A 198 -7.43 -14.30 -4.23
C THR A 198 -8.76 -13.95 -4.87
N PRO A 199 -9.88 -14.42 -4.31
CA PRO A 199 -11.18 -14.08 -4.87
C PRO A 199 -11.36 -12.58 -4.99
N LYS A 200 -12.16 -12.17 -5.97
CA LYS A 200 -12.29 -10.74 -6.25
C LYS A 200 -12.94 -9.99 -5.09
N ARG A 201 -13.90 -10.62 -4.40
CA ARG A 201 -14.52 -9.97 -3.24
C ARG A 201 -13.47 -9.65 -2.18
N TRP A 202 -12.51 -10.54 -2.00
CA TRP A 202 -11.50 -10.31 -0.99
C TRP A 202 -10.50 -9.26 -1.45
N ARG A 203 -10.08 -9.34 -2.73
CA ARG A 203 -9.30 -8.26 -3.34
C ARG A 203 -9.93 -6.90 -3.04
N ASN A 204 -11.24 -6.80 -3.24
CA ASN A 204 -11.87 -5.49 -3.19
C ASN A 204 -11.97 -4.99 -1.75
N LYS A 205 -12.22 -5.88 -0.79
CA LYS A 205 -12.22 -5.50 0.62
C LYS A 205 -10.91 -4.84 1.00
N ASP A 206 -9.77 -5.47 0.66
CA ASP A 206 -8.45 -4.87 0.93
C ASP A 206 -8.34 -3.49 0.29
N LEU A 207 -8.72 -3.40 -1.00
CA LEU A 207 -8.63 -2.13 -1.71
C LEU A 207 -9.52 -1.07 -1.07
N ALA A 208 -10.73 -1.46 -0.67
CA ALA A 208 -11.59 -0.56 0.07
C ALA A 208 -10.90 -0.08 1.33
N ALA A 209 -10.42 -1.01 2.15
CA ALA A 209 -9.81 -0.64 3.42
C ALA A 209 -8.58 0.23 3.20
N LEU A 210 -7.74 -0.13 2.22
CA LEU A 210 -6.55 0.69 1.98
C LEU A 210 -6.97 2.12 1.66
N TYR A 211 -7.99 2.29 0.84
CA TYR A 211 -8.47 3.62 0.49
C TYR A 211 -9.00 4.37 1.71
N PHE A 212 -9.87 3.73 2.50
CA PHE A 212 -10.45 4.48 3.62
C PHE A 212 -9.38 4.85 4.63
N SER A 213 -8.32 4.07 4.74
CA SER A 213 -7.25 4.49 5.63
C SER A 213 -6.49 5.68 5.11
N ALA A 214 -6.77 6.18 3.90
CA ALA A 214 -5.90 7.19 3.32
C ALA A 214 -6.64 8.43 2.86
N LEU A 215 -7.88 8.62 3.32
CA LEU A 215 -8.73 9.74 2.91
C LEU A 215 -8.25 11.10 3.39
N ASP A 216 -7.23 11.15 4.25
CA ASP A 216 -6.89 12.39 4.95
C ASP A 216 -5.46 12.82 4.68
N ILE A 217 -4.86 12.39 3.58
CA ILE A 217 -3.47 12.74 3.32
C ILE A 217 -3.32 13.57 2.06
N GLY A 218 -4.42 14.09 1.53
CA GLY A 218 -4.31 14.95 0.36
C GLY A 218 -4.03 14.23 -0.94
N LEU A 219 -4.64 13.06 -1.15
CA LEU A 219 -4.53 12.39 -2.44
C LEU A 219 -5.41 13.11 -3.44
N THR A 220 -4.79 13.62 -4.51
CA THR A 220 -5.55 14.17 -5.61
C THR A 220 -6.32 13.05 -6.28
N ARG A 221 -7.28 13.42 -7.14
CA ARG A 221 -7.93 12.41 -7.96
C ARG A 221 -6.90 11.65 -8.77
N ARG A 222 -5.80 12.31 -9.13
CA ARG A 222 -4.82 11.67 -10.00
C ARG A 222 -3.90 10.76 -9.22
N ASP A 223 -3.58 11.10 -7.98
CA ASP A 223 -2.86 10.14 -7.13
C ASP A 223 -3.65 8.85 -6.99
N LYS A 224 -4.97 8.91 -7.04
CA LYS A 224 -5.76 7.69 -6.92
C LYS A 224 -5.78 6.90 -8.23
N LEU A 225 -5.89 7.59 -9.38
CA LEU A 225 -5.77 6.92 -10.67
C LEU A 225 -4.37 6.31 -10.83
N ARG A 226 -3.32 7.06 -10.49
CA ARG A 226 -1.99 6.46 -10.44
C ARG A 226 -2.02 5.18 -9.64
N PHE A 227 -2.66 5.19 -8.46
CA PHE A 227 -2.72 3.97 -7.67
C PHE A 227 -3.39 2.85 -8.45
N LEU A 228 -4.57 3.13 -9.03
CA LEU A 228 -5.35 2.07 -9.66
C LEU A 228 -4.60 1.45 -10.84
N ARG A 229 -3.98 2.29 -11.67
CA ARG A 229 -3.20 1.81 -12.80
C ARG A 229 -2.10 0.88 -12.34
N THR A 230 -1.28 1.32 -11.39
CA THR A 230 -0.20 0.47 -10.91
C THR A 230 -0.75 -0.77 -10.22
N TYR A 231 -1.88 -0.62 -9.51
CA TYR A 231 -2.44 -1.76 -8.80
C TYR A 231 -2.89 -2.84 -9.77
N PHE A 232 -3.72 -2.48 -10.75
CA PHE A 232 -4.26 -3.44 -11.70
C PHE A 232 -3.27 -3.80 -12.82
N ARG A 233 -2.33 -2.91 -13.14
CA ARG A 233 -1.42 -3.12 -14.27
C ARG A 233 -2.25 -3.34 -15.54
N ARG A 234 -3.17 -2.43 -15.75
CA ARG A 234 -4.11 -2.40 -16.88
C ARG A 234 -4.22 -0.92 -17.20
N PRO A 235 -4.68 -0.62 -18.44
CA PRO A 235 -4.84 0.80 -18.77
C PRO A 235 -5.89 1.43 -17.89
N LEU A 236 -5.71 2.72 -17.65
CA LEU A 236 -6.65 3.47 -16.84
C LEU A 236 -8.05 3.40 -17.41
N ARG A 237 -8.19 3.45 -18.73
CA ARG A 237 -9.51 3.50 -19.33
C ARG A 237 -10.26 2.20 -19.10
N GLU A 238 -9.57 1.07 -19.20
CA GLU A 238 -10.20 -0.22 -18.91
C GLU A 238 -10.62 -0.30 -17.43
N ILE A 239 -9.77 0.15 -16.50
CA ILE A 239 -10.09 0.06 -15.07
C ILE A 239 -11.38 0.83 -14.78
N LEU A 240 -11.42 2.10 -15.17
CA LEU A 240 -12.59 2.94 -14.96
C LEU A 240 -13.85 2.37 -15.58
N ARG A 241 -13.72 1.49 -16.57
CA ARG A 241 -14.88 0.92 -17.20
C ARG A 241 -15.33 -0.35 -16.49
N ASP A 242 -14.39 -1.27 -16.24
CA ASP A 242 -14.75 -2.58 -15.70
C ASP A 242 -14.92 -2.57 -14.18
N GLU A 243 -14.26 -1.63 -13.48
CA GLU A 243 -14.42 -1.54 -12.04
C GLU A 243 -15.34 -0.39 -11.64
N ALA A 244 -16.16 0.10 -12.58
CA ALA A 244 -16.94 1.31 -12.35
C ALA A 244 -17.77 1.24 -11.08
N GLY A 245 -18.43 0.11 -10.83
CA GLY A 245 -19.30 -0.01 -9.69
C GLY A 245 -18.54 -0.07 -8.37
N LEU A 246 -17.47 -0.87 -8.34
CA LEU A 246 -16.57 -0.86 -7.20
C LEU A 246 -16.08 0.55 -6.90
N LEU A 247 -15.54 1.23 -7.90
CA LEU A 247 -14.98 2.56 -7.65
C LEU A 247 -16.04 3.57 -7.23
N ALA A 248 -17.27 3.42 -7.68
CA ALA A 248 -18.32 4.35 -7.30
C ALA A 248 -18.76 4.10 -5.87
N TRP A 249 -18.81 2.82 -5.49
CA TRP A 249 -19.12 2.47 -4.11
C TRP A 249 -18.05 3.02 -3.17
N MSE A 250 -16.78 2.73 -3.47
CA MSE A 250 -15.70 3.22 -2.62
C MSE A 250 -15.76 4.72 -2.50
O MSE A 250 -15.56 5.26 -1.44
CB MSE A 250 -14.33 2.83 -3.14
CG MSE A 250 -14.03 1.36 -3.04
SE MSE A 250 -12.46 0.84 -4.09
CE MSE A 250 -11.10 1.94 -3.28
N GLU A 251 -16.06 5.41 -3.60
CA GLU A 251 -16.12 6.86 -3.50
C GLU A 251 -17.29 7.30 -2.62
N ARG A 252 -18.37 6.51 -2.59
CA ARG A 252 -19.54 6.88 -1.83
C ARG A 252 -19.32 6.66 -0.34
N LYS A 253 -18.78 5.48 0.02
CA LYS A 253 -18.34 5.24 1.39
C LYS A 253 -17.33 6.28 1.84
N ALA A 254 -16.32 6.57 1.01
CA ALA A 254 -15.29 7.53 1.38
C ALA A 254 -15.87 8.93 1.64
N GLU A 255 -16.91 9.32 0.90
CA GLU A 255 -17.59 10.57 1.19
C GLU A 255 -18.16 10.58 2.60
N LYS A 256 -19.03 9.60 2.92
CA LYS A 256 -19.67 9.55 4.24
C LYS A 256 -18.64 9.48 5.35
N LEU A 257 -17.58 8.68 5.16
CA LEU A 257 -16.53 8.57 6.15
C LEU A 257 -15.82 9.89 6.41
N TYR A 258 -15.87 10.83 5.47
CA TYR A 258 -15.27 12.14 5.67
C TYR A 258 -16.24 13.01 6.47
N GLU A 259 -15.80 13.42 7.67
CA GLU A 259 -16.64 14.11 8.64
C GLU A 259 -15.80 14.73 9.75
N THR B 1 13.33 26.46 -21.49
CA THR B 1 12.36 27.51 -21.17
C THR B 1 10.92 26.93 -21.02
N ILE B 2 10.08 27.59 -20.21
CA ILE B 2 8.82 27.01 -19.73
C ILE B 2 7.65 27.26 -20.68
N GLU B 3 7.56 28.45 -21.29
CA GLU B 3 6.37 28.76 -22.08
C GLU B 3 6.16 27.77 -23.20
N GLU B 4 7.25 27.15 -23.69
CA GLU B 4 7.19 26.19 -24.78
C GLU B 4 6.98 24.76 -24.29
N ARG B 5 7.61 24.40 -23.15
CA ARG B 5 7.47 23.05 -22.59
C ARG B 5 6.01 22.63 -22.53
N VAL B 6 5.15 23.52 -22.03
CA VAL B 6 3.72 23.18 -21.90
C VAL B 6 3.14 22.82 -23.26
N LYS B 7 3.47 23.62 -24.28
CA LYS B 7 2.99 23.35 -25.62
C LYS B 7 3.47 22.00 -26.14
N LYS B 8 4.72 21.66 -25.86
CA LYS B 8 5.28 20.39 -26.32
C LYS B 8 4.58 19.20 -25.65
N ILE B 9 4.29 19.30 -24.35
CA ILE B 9 3.66 18.20 -23.63
C ILE B 9 2.26 17.94 -24.17
N ILE B 10 1.44 18.99 -24.24
CA ILE B 10 0.09 18.85 -24.80
C ILE B 10 0.13 18.13 -26.15
N GLY B 11 1.15 18.45 -26.96
CA GLY B 11 1.24 17.84 -28.29
C GLY B 11 1.66 16.38 -28.26
N GLU B 12 2.77 16.08 -27.57
CA GLU B 12 3.15 14.69 -27.35
C GLU B 12 2.07 13.88 -26.64
N GLN B 13 1.26 14.52 -25.80
CA GLN B 13 0.25 13.81 -25.02
C GLN B 13 -1.02 13.56 -25.82
N LEU B 14 -1.50 14.59 -26.51
CA LEU B 14 -2.76 14.54 -27.23
C LEU B 14 -2.61 14.02 -28.66
N GLY B 15 -1.37 13.78 -29.10
CA GLY B 15 -1.13 13.30 -30.45
C GLY B 15 -1.54 14.27 -31.54
N VAL B 16 -1.49 15.57 -31.26
CA VAL B 16 -1.82 16.60 -32.23
C VAL B 16 -0.52 17.28 -32.68
N LYS B 17 -0.56 17.82 -33.90
CA LYS B 17 0.58 18.54 -34.45
C LYS B 17 0.78 19.86 -33.72
N GLN B 18 2.05 20.27 -33.60
CA GLN B 18 2.39 21.49 -32.87
C GLN B 18 1.61 22.69 -33.38
N GLU B 19 1.32 22.75 -34.67
CA GLU B 19 0.59 23.88 -35.22
C GLU B 19 -0.81 24.00 -34.62
N GLU B 20 -1.44 22.88 -34.29
CA GLU B 20 -2.78 22.92 -33.71
C GLU B 20 -2.79 23.33 -32.25
N VAL B 21 -1.63 23.36 -31.60
CA VAL B 21 -1.55 23.67 -30.17
C VAL B 21 -1.59 25.17 -29.94
N THR B 22 -2.78 25.76 -30.04
CA THR B 22 -2.97 27.20 -29.88
C THR B 22 -3.57 27.51 -28.52
N ASN B 23 -3.12 28.64 -27.94
CA ASN B 23 -3.61 29.05 -26.62
C ASN B 23 -5.12 29.14 -26.56
N ASN B 24 -5.79 29.30 -27.70
CA ASN B 24 -7.24 29.37 -27.73
C ASN B 24 -7.89 27.98 -27.76
N ALA B 25 -7.14 26.94 -28.12
CA ALA B 25 -7.73 25.62 -28.35
C ALA B 25 -7.99 24.93 -27.02
N SER B 26 -9.25 24.56 -26.79
CA SER B 26 -9.61 23.69 -25.68
C SER B 26 -9.39 22.24 -26.11
N PHE B 27 -8.82 21.44 -25.20
CA PHE B 27 -8.42 20.09 -25.55
C PHE B 27 -9.59 19.24 -26.02
N VAL B 28 -10.76 19.44 -25.42
CA VAL B 28 -11.88 18.51 -25.61
C VAL B 28 -12.44 18.61 -27.01
N GLU B 29 -12.73 19.84 -27.46
CA GLU B 29 -13.37 20.07 -28.76
C GLU B 29 -12.39 20.42 -29.86
N ASP B 30 -11.25 21.04 -29.53
CA ASP B 30 -10.31 21.46 -30.56
C ASP B 30 -9.19 20.46 -30.81
N LEU B 31 -8.68 19.79 -29.78
CA LEU B 31 -7.56 18.86 -29.96
C LEU B 31 -7.99 17.39 -29.90
N GLY B 32 -9.30 17.11 -30.01
CA GLY B 32 -9.77 15.75 -30.10
C GLY B 32 -9.67 14.93 -28.83
N ALA B 33 -9.34 15.55 -27.71
CA ALA B 33 -9.21 14.81 -26.46
C ALA B 33 -10.58 14.49 -25.87
N ASP B 34 -10.65 13.36 -25.19
CA ASP B 34 -11.78 13.08 -24.33
C ASP B 34 -11.38 13.37 -22.88
N SER B 35 -12.38 13.35 -21.99
CA SER B 35 -12.22 13.35 -20.55
C SER B 35 -10.91 12.95 -19.91
N LEU B 36 -10.64 11.65 -20.01
CA LEU B 36 -9.50 11.02 -19.40
C LEU B 36 -8.14 11.53 -19.91
N ASP B 37 -8.08 11.80 -21.23
CA ASP B 37 -6.87 12.35 -21.84
C ASP B 37 -6.48 13.67 -21.19
N THR B 38 -7.44 14.57 -21.00
CA THR B 38 -7.19 15.78 -20.24
C THR B 38 -6.55 15.44 -18.90
N VAL B 39 -7.10 14.44 -18.21
CA VAL B 39 -6.55 14.09 -16.92
C VAL B 39 -5.17 13.48 -17.10
N GLU B 40 -5.00 12.59 -18.10
CA GLU B 40 -3.67 12.08 -18.35
C GLU B 40 -2.74 13.19 -18.81
N LEU B 41 -3.28 14.21 -19.47
CA LEU B 41 -2.50 15.40 -19.79
C LEU B 41 -2.09 16.13 -18.53
N VAL B 42 -3.07 16.41 -17.65
CA VAL B 42 -2.77 17.04 -16.37
C VAL B 42 -1.71 16.25 -15.61
N MSE B 43 -1.83 14.93 -15.61
CA MSE B 43 -0.82 14.12 -14.95
C MSE B 43 0.54 14.29 -15.59
O MSE B 43 1.53 14.45 -14.88
CB MSE B 43 -1.20 12.66 -14.99
CG MSE B 43 -2.55 12.40 -14.38
SE MSE B 43 -3.13 10.56 -14.51
CE MSE B 43 -2.30 9.83 -12.93
N ALA B 44 0.57 14.23 -16.92
CA ALA B 44 1.84 14.38 -17.64
C ALA B 44 2.50 15.71 -17.29
N LEU B 45 1.71 16.78 -17.23
CA LEU B 45 2.22 18.06 -16.73
C LEU B 45 2.81 17.94 -15.32
N GLU B 46 2.04 17.37 -14.38
CA GLU B 46 2.54 17.19 -13.02
C GLU B 46 3.88 16.47 -13.01
N GLU B 47 4.03 15.46 -13.86
CA GLU B 47 5.22 14.63 -13.85
C GLU B 47 6.39 15.30 -14.55
N GLU B 48 6.13 16.07 -15.61
CA GLU B 48 7.23 16.74 -16.30
C GLU B 48 7.76 17.91 -15.47
N PHE B 49 6.87 18.67 -14.84
CA PHE B 49 7.29 19.76 -13.97
C PHE B 49 7.51 19.33 -12.52
N ASP B 50 7.45 18.02 -12.22
CA ASP B 50 7.81 17.49 -10.90
C ASP B 50 7.05 18.20 -9.78
N THR B 51 5.77 18.50 -10.04
CA THR B 51 4.96 19.30 -9.14
C THR B 51 3.65 18.57 -8.84
N GLU B 52 2.72 19.23 -8.14
CA GLU B 52 1.38 18.70 -7.97
C GLU B 52 0.35 19.79 -8.24
N ILE B 53 -0.72 19.41 -8.93
CA ILE B 53 -1.82 20.31 -9.26
C ILE B 53 -3.02 19.89 -8.42
N PRO B 54 -3.56 20.77 -7.57
CA PRO B 54 -4.74 20.42 -6.79
C PRO B 54 -5.95 20.21 -7.69
N ASP B 55 -6.85 19.32 -7.25
CA ASP B 55 -8.01 18.97 -8.06
C ASP B 55 -8.83 20.19 -8.46
N GLU B 56 -8.86 21.23 -7.62
CA GLU B 56 -9.57 22.44 -7.99
C GLU B 56 -8.89 23.13 -9.17
N GLU B 57 -7.57 23.22 -9.15
CA GLU B 57 -6.85 23.85 -10.25
C GLU B 57 -6.90 23.00 -11.51
N ALA B 58 -6.71 21.69 -11.37
CA ALA B 58 -6.61 20.83 -12.54
C ALA B 58 -7.90 20.77 -13.32
N GLU B 59 -9.04 20.97 -12.66
CA GLU B 59 -10.28 20.99 -13.41
C GLU B 59 -10.47 22.29 -14.18
N LYS B 60 -9.68 23.32 -13.89
CA LYS B 60 -9.74 24.55 -14.64
C LYS B 60 -8.78 24.54 -15.83
N ILE B 61 -8.02 23.47 -16.01
CA ILE B 61 -7.09 23.35 -17.13
C ILE B 61 -7.84 22.63 -18.24
N THR B 62 -8.56 23.41 -19.05
CA THR B 62 -9.33 22.88 -20.16
C THR B 62 -8.92 23.46 -21.52
N THR B 63 -7.99 24.42 -21.53
CA THR B 63 -7.45 24.99 -22.76
C THR B 63 -5.95 25.12 -22.63
N VAL B 64 -5.29 25.33 -23.78
CA VAL B 64 -3.84 25.44 -23.80
C VAL B 64 -3.36 26.62 -22.98
N GLN B 65 -4.09 27.74 -23.08
CA GLN B 65 -3.78 28.89 -22.23
C GLN B 65 -3.97 28.53 -20.76
N ALA B 66 -5.08 27.86 -20.44
CA ALA B 66 -5.29 27.40 -19.07
C ALA B 66 -4.08 26.62 -18.55
N ALA B 67 -3.47 25.81 -19.42
CA ALA B 67 -2.35 24.99 -19.01
C ALA B 67 -1.11 25.85 -18.73
N ILE B 68 -0.79 26.77 -19.64
CA ILE B 68 0.41 27.57 -19.46
C ILE B 68 0.25 28.50 -18.26
N ASP B 69 -0.95 29.06 -18.07
CA ASP B 69 -1.18 29.97 -16.97
C ASP B 69 -0.78 29.35 -15.65
N TYR B 70 -1.15 28.09 -15.43
CA TYR B 70 -0.92 27.46 -14.14
C TYR B 70 0.57 27.25 -13.87
N ILE B 71 1.32 26.80 -14.88
CA ILE B 71 2.74 26.53 -14.66
C ILE B 71 3.48 27.81 -14.32
N ASN B 72 3.02 28.94 -14.83
CA ASN B 72 3.63 30.23 -14.54
C ASN B 72 2.78 30.99 -13.52
C1 G9S C . -11.38 8.65 -10.19
C2 G9S C . -12.03 11.04 -10.65
C3 G9S C . -13.09 12.12 -10.72
C4 G9S C . -14.23 11.87 -11.69
C5 G9S C . -14.67 9.90 -13.37
C6 G9S C . -13.33 10.87 -15.45
C7 G9S C . -13.63 11.68 -16.68
C8 G9S C . -12.26 11.57 -14.66
C10 G9S C . -11.75 6.39 -7.56
C11 G9S C . -12.44 5.69 -6.41
C12 G9S C . -11.52 5.16 -5.34
C13 G9S C . -10.05 5.52 -5.49
C14 G9S C . -9.08 4.36 -5.71
C15 G9S C . -8.28 3.88 -4.51
C16 G9S C . -7.10 4.72 -4.07
N2 G9S C . -12.38 9.69 -10.26
C19 G9S C . -10.59 8.56 -8.91
C20 G9S C . -12.85 9.53 -15.90
C21 G9S C . -5.97 4.01 -3.33
C22 G9S C . -5.13 4.94 -2.44
C23 G9S C . -4.27 4.33 -1.38
C24 G9S C . -2.78 4.62 -1.49
C25 G9S C . -1.85 4.25 -0.34
C26 G9S C . -0.52 4.99 -0.24
C27 G9S C . -0.49 6.27 0.58
C28 G9S C . 0.86 6.84 0.87
C29 G9S C . 1.28 6.92 2.31
C30 G9S C . -14.66 10.75 -14.65
N3 G9S C . -14.47 10.45 -12.02
O2 G9S C . -10.86 11.31 -10.96
O3 G9S C . -11.50 5.81 -8.60
O4 G9S C . -14.86 8.69 -13.48
O5 G9S C . -15.24 11.98 -14.38
O6 G9S C . -14.92 11.55 -17.20
O8 G9S C . -16.63 11.96 -19.01
O9 G9S C . -14.76 10.32 -19.43
P1 G9S C . -15.18 11.62 -18.75
S1 G9S C . -11.54 8.14 -7.46
#